data_4U94
#
_entry.id   4U94
#
_cell.length_a   62.947
_cell.length_b   73.409
_cell.length_c   106.890
_cell.angle_alpha   90.00
_cell.angle_beta   90.00
_cell.angle_gamma   90.00
#
_symmetry.space_group_name_H-M   'P 2 2 21'
#
loop_
_entity.id
_entity.type
_entity.pdbx_description
1 polymer Maltokinase
2 non-polymer 'MAGNESIUM ION'
3 water water
#
_entity_poly.entity_id   1
_entity_poly.type   'polypeptide(L)'
_entity_poly.pdbx_seq_one_letter_code
;MTLAFGDWIVHRRWYAGRSRELVSAEPAVVTPLRDDLDHILLDVTYTDGTVERYQLVVRWADSPVAGFGEAATIGTALGP
QGERIAYDALFDPDAARHLLRLVDASATVADLRFTREPGATLPLYAPPKVSSAEQSNTSVIFGKDAMLKVFRRVTPGINP
DIELNRVLAQAGNRHVARLLGSFETSWAGPGTDRCALGMVTAFAANSAEGWDMATASAREMFADVVGSDFADESYRLGNA
VASVHATLAEALGTSTEPFPVDTVLARLQSAARSAPELAGRAAAVEERYRRLDGRAITVQRVHGDLHLGQVLRTPDDWLL
IDFEGEPGQPLDERRRPDSPLRDVAGVLRSFEYAAYQKLVELAPEQDADGRLADRARNWVDRNSAAFCAGYAAVAGDDPR
RDGDVLAAYELDKAVYEAAYEARFRPSWLPIPMRSIDRILGKLAAALEHHHHHH
;
_entity_poly.pdbx_strand_id   A
#
loop_
_chem_comp.id
_chem_comp.type
_chem_comp.name
_chem_comp.formula
MG non-polymer 'MAGNESIUM ION' 'Mg 2'
#
# COMPACT_ATOMS: atom_id res chain seq x y z
N THR A 2 -25.50 23.93 -2.76
CA THR A 2 -25.79 23.98 -1.33
C THR A 2 -26.28 22.62 -0.81
N LEU A 3 -25.33 21.77 -0.46
CA LEU A 3 -25.59 20.53 0.25
C LEU A 3 -24.84 20.65 1.55
N ALA A 4 -25.36 20.04 2.60
CA ALA A 4 -24.66 20.01 3.87
C ALA A 4 -23.54 18.96 3.81
N PHE A 5 -22.48 19.24 3.04
CA PHE A 5 -21.40 18.29 2.91
C PHE A 5 -20.73 17.95 4.24
N GLY A 6 -20.54 18.96 5.09
CA GLY A 6 -19.86 18.75 6.36
C GLY A 6 -20.59 17.76 7.24
N ASP A 7 -21.92 17.85 7.30
CA ASP A 7 -22.72 16.95 8.15
C ASP A 7 -22.61 15.49 7.70
N TRP A 8 -22.37 15.29 6.40
CA TRP A 8 -22.29 13.96 5.85
C TRP A 8 -20.90 13.35 5.94
N ILE A 9 -19.87 14.15 5.61
CA ILE A 9 -18.54 13.59 5.42
C ILE A 9 -17.92 13.04 6.71
N VAL A 10 -18.27 13.61 7.85
CA VAL A 10 -17.61 13.26 9.11
C VAL A 10 -17.92 11.82 9.55
N HIS A 11 -18.96 11.23 8.95
CA HIS A 11 -19.37 9.87 9.26
C HIS A 11 -18.78 8.80 8.36
N ARG A 12 -17.99 9.22 7.37
CA ARG A 12 -17.49 8.30 6.36
C ARG A 12 -16.18 7.67 6.77
N ARG A 13 -15.97 6.40 6.44
CA ARG A 13 -14.80 5.70 6.94
C ARG A 13 -13.51 6.15 6.25
N TRP A 14 -13.64 6.79 5.08
CA TRP A 14 -12.49 7.29 4.33
C TRP A 14 -12.17 8.75 4.69
N TYR A 15 -12.97 9.32 5.60
CA TYR A 15 -12.75 10.69 6.06
C TYR A 15 -11.72 10.68 7.18
N ALA A 16 -10.71 11.53 7.06
CA ALA A 16 -9.56 11.50 7.93
C ALA A 16 -9.46 12.75 8.83
N GLY A 17 -10.59 13.23 9.29
CA GLY A 17 -10.62 14.45 10.06
C GLY A 17 -10.12 14.18 11.46
N ARG A 18 -10.07 12.90 11.80
CA ARG A 18 -9.72 12.47 13.14
C ARG A 18 -10.63 13.16 14.14
N SER A 19 -10.05 13.79 15.14
CA SER A 19 -10.88 14.39 16.17
C SER A 19 -11.37 15.82 15.77
N ARG A 20 -10.76 16.40 14.72
CA ARG A 20 -10.79 17.85 14.47
C ARG A 20 -12.12 18.55 14.16
N GLU A 21 -12.26 19.78 14.66
CA GLU A 21 -13.34 20.69 14.33
C GLU A 21 -13.21 21.17 12.88
N LEU A 22 -14.21 20.94 12.04
CA LEU A 22 -14.16 21.51 10.71
C LEU A 22 -14.77 22.92 10.71
N VAL A 23 -14.12 23.84 10.01
CA VAL A 23 -14.61 25.21 9.87
C VAL A 23 -15.62 25.25 8.72
N SER A 24 -15.27 24.62 7.61
CA SER A 24 -16.14 24.59 6.43
C SER A 24 -15.85 23.38 5.57
N ALA A 25 -16.85 23.01 4.77
CA ALA A 25 -16.67 21.95 3.76
C ALA A 25 -17.43 22.41 2.54
N GLU A 26 -16.69 22.91 1.56
CA GLU A 26 -17.29 23.61 0.44
C GLU A 26 -16.74 23.12 -0.89
N PRO A 27 -17.59 23.09 -1.92
CA PRO A 27 -17.02 22.69 -3.20
C PRO A 27 -16.07 23.76 -3.71
N ALA A 28 -14.91 23.31 -4.13
CA ALA A 28 -13.91 24.15 -4.75
C ALA A 28 -14.15 24.18 -6.25
N VAL A 29 -14.48 23.02 -6.83
CA VAL A 29 -14.77 22.92 -8.25
C VAL A 29 -15.91 21.92 -8.46
N VAL A 30 -16.91 22.32 -9.24
CA VAL A 30 -18.01 21.43 -9.61
C VAL A 30 -17.98 21.30 -11.13
N THR A 31 -17.88 20.05 -11.59
CA THR A 31 -17.81 19.75 -13.01
C THR A 31 -18.96 18.84 -13.39
N PRO A 32 -19.92 19.36 -14.18
CA PRO A 32 -21.02 18.52 -14.63
C PRO A 32 -20.52 17.42 -15.54
N LEU A 33 -20.94 16.18 -15.30
CA LEU A 33 -20.66 15.04 -16.18
C LEU A 33 -21.90 14.69 -17.00
N ARG A 34 -23.07 14.79 -16.39
CA ARG A 34 -24.36 14.58 -17.06
C ARG A 34 -25.31 15.52 -16.37
N ASP A 35 -26.53 15.65 -16.90
CA ASP A 35 -27.49 16.55 -16.28
C ASP A 35 -27.81 16.17 -14.83
N ASP A 36 -27.55 14.91 -14.46
CA ASP A 36 -27.84 14.42 -13.12
C ASP A 36 -26.58 13.91 -12.40
N LEU A 37 -25.41 14.27 -12.90
CA LEU A 37 -24.15 13.74 -12.35
C LEU A 37 -23.10 14.84 -12.26
N ASP A 38 -22.64 15.15 -11.05
CA ASP A 38 -21.63 16.19 -10.83
C ASP A 38 -20.37 15.63 -10.20
N HIS A 39 -19.24 16.00 -10.77
CA HIS A 39 -17.97 15.70 -10.14
C HIS A 39 -17.58 16.88 -9.24
N ILE A 40 -17.22 16.61 -7.99
CA ILE A 40 -16.95 17.68 -7.03
C ILE A 40 -15.59 17.52 -6.36
N LEU A 41 -14.81 18.59 -6.35
CA LEU A 41 -13.64 18.68 -5.46
C LEU A 41 -14.07 19.48 -4.24
N LEU A 42 -14.06 18.83 -3.08
CA LEU A 42 -14.61 19.43 -1.86
C LEU A 42 -13.47 19.79 -0.92
N ASP A 43 -13.38 21.06 -0.55
CA ASP A 43 -12.36 21.50 0.38
C ASP A 43 -12.87 21.57 1.81
N VAL A 44 -12.21 20.84 2.72
CA VAL A 44 -12.55 20.87 4.12
C VAL A 44 -11.46 21.68 4.83
N THR A 45 -11.87 22.74 5.52
CA THR A 45 -10.94 23.63 6.18
C THR A 45 -11.07 23.43 7.67
N TYR A 46 -9.91 23.36 8.32
CA TYR A 46 -9.82 23.14 9.77
C TYR A 46 -9.46 24.43 10.48
N THR A 47 -9.57 24.42 11.80
CA THR A 47 -9.38 25.67 12.54
C THR A 47 -7.97 26.25 12.46
N ASP A 48 -6.98 25.41 12.17
CA ASP A 48 -5.61 25.86 12.02
C ASP A 48 -5.33 26.43 10.65
N GLY A 49 -6.34 26.44 9.80
CA GLY A 49 -6.22 26.98 8.45
C GLY A 49 -5.83 25.95 7.41
N THR A 50 -5.57 24.72 7.81
CA THR A 50 -5.25 23.63 6.88
CA THR A 50 -5.23 23.72 6.81
C THR A 50 -6.46 23.31 6.04
N VAL A 51 -6.24 22.99 4.77
CA VAL A 51 -7.32 22.56 3.90
C VAL A 51 -7.00 21.18 3.37
N GLU A 52 -7.96 20.27 3.47
CA GLU A 52 -7.81 18.89 2.95
C GLU A 52 -8.90 18.70 1.89
N ARG A 53 -8.51 18.25 0.70
CA ARG A 53 -9.43 18.16 -0.44
C ARG A 53 -9.90 16.72 -0.65
N TYR A 54 -11.20 16.57 -0.82
CA TYR A 54 -11.81 15.28 -1.12
C TYR A 54 -12.53 15.25 -2.46
N GLN A 55 -12.49 14.09 -3.12
CA GLN A 55 -13.19 13.92 -4.38
C GLN A 55 -14.52 13.24 -4.13
N LEU A 56 -15.60 13.84 -4.65
CA LEU A 56 -16.93 13.30 -4.55
C LEU A 56 -17.57 13.26 -5.91
N VAL A 57 -18.37 12.24 -6.19
CA VAL A 57 -19.17 12.27 -7.39
C VAL A 57 -20.62 12.15 -6.94
N VAL A 58 -21.45 13.10 -7.37
CA VAL A 58 -22.82 13.17 -6.90
C VAL A 58 -23.81 12.80 -7.99
N ARG A 59 -24.70 11.84 -7.68
CA ARG A 59 -25.83 11.50 -8.55
C ARG A 59 -27.06 12.13 -7.96
N TRP A 60 -27.74 12.94 -8.76
CA TRP A 60 -28.96 13.61 -8.31
C TRP A 60 -30.19 12.83 -8.76
N ALA A 61 -31.16 12.70 -7.87
CA ALA A 61 -32.46 12.09 -8.20
C ALA A 61 -33.60 13.00 -7.78
N ASP A 62 -34.69 12.98 -8.52
N ASP A 62 -34.70 12.95 -8.52
CA ASP A 62 -35.83 13.84 -8.22
CA ASP A 62 -35.85 13.80 -8.26
C ASP A 62 -36.76 13.18 -7.21
C ASP A 62 -36.70 13.21 -7.14
N SER A 63 -36.43 11.95 -6.83
CA SER A 63 -37.26 11.20 -5.91
C SER A 63 -36.37 10.13 -5.31
N PRO A 64 -36.67 9.66 -4.10
CA PRO A 64 -35.82 8.66 -3.43
C PRO A 64 -35.63 7.37 -4.21
N VAL A 65 -34.36 7.04 -4.44
CA VAL A 65 -33.96 5.81 -5.13
C VAL A 65 -33.59 4.72 -4.13
N ALA A 66 -34.32 3.60 -4.22
CA ALA A 66 -34.21 2.51 -3.25
C ALA A 66 -32.79 1.99 -3.00
N GLY A 67 -32.05 1.79 -4.09
CA GLY A 67 -30.76 1.12 -3.99
C GLY A 67 -29.71 1.72 -3.06
N PHE A 68 -29.81 3.01 -2.78
CA PHE A 68 -28.79 3.67 -1.97
C PHE A 68 -29.05 3.55 -0.49
N GLY A 69 -28.00 3.25 0.26
CA GLY A 69 -28.12 3.20 1.71
C GLY A 69 -27.83 4.54 2.35
N GLU A 70 -27.68 4.52 3.67
CA GLU A 70 -27.43 5.72 4.46
C GLU A 70 -26.13 6.43 4.10
N ALA A 71 -25.03 5.68 4.05
CA ALA A 71 -23.70 6.23 3.77
C ALA A 71 -23.60 6.84 2.38
N ALA A 72 -24.51 6.44 1.51
CA ALA A 72 -24.49 6.94 0.15
C ALA A 72 -25.46 8.09 -0.03
N THR A 73 -26.17 8.49 1.02
CA THR A 73 -27.11 9.61 0.89
C THR A 73 -26.50 10.89 1.45
N ILE A 74 -26.15 11.83 0.58
CA ILE A 74 -25.39 13.02 0.99
C ILE A 74 -26.27 14.11 1.55
N GLY A 75 -27.41 14.36 0.89
CA GLY A 75 -28.27 15.45 1.33
C GLY A 75 -29.30 15.81 0.28
N THR A 76 -29.92 16.96 0.44
CA THR A 76 -30.97 17.42 -0.49
C THR A 76 -30.76 18.86 -0.85
N ALA A 77 -31.30 19.25 -1.99
CA ALA A 77 -31.21 20.63 -2.45
C ALA A 77 -32.29 20.88 -3.48
N LEU A 78 -32.70 22.15 -3.61
CA LEU A 78 -33.58 22.57 -4.70
C LEU A 78 -32.80 22.75 -5.97
N GLY A 79 -33.34 22.23 -7.05
CA GLY A 79 -32.76 22.48 -8.35
C GLY A 79 -33.80 23.07 -9.25
N PRO A 80 -33.46 23.19 -10.54
CA PRO A 80 -34.34 23.87 -11.49
C PRO A 80 -35.62 23.13 -11.82
N GLN A 81 -35.74 21.85 -11.45
CA GLN A 81 -37.01 21.13 -11.61
C GLN A 81 -37.66 20.79 -10.27
N GLY A 82 -37.12 21.33 -9.19
CA GLY A 82 -37.69 21.06 -7.88
C GLY A 82 -36.69 20.39 -6.94
N GLU A 83 -37.20 19.69 -5.94
CA GLU A 83 -36.33 19.07 -4.94
C GLU A 83 -35.50 17.93 -5.56
N ARG A 84 -34.25 17.80 -5.12
CA ARG A 84 -33.37 16.72 -5.56
CA ARG A 84 -33.47 16.65 -5.52
C ARG A 84 -32.69 16.10 -4.34
N ILE A 85 -32.42 14.80 -4.41
CA ILE A 85 -31.60 14.12 -3.42
C ILE A 85 -30.25 13.89 -4.06
N ALA A 86 -29.19 14.15 -3.30
CA ALA A 86 -27.83 13.90 -3.74
C ALA A 86 -27.36 12.58 -3.16
N TYR A 87 -26.97 11.66 -4.04
CA TYR A 87 -26.37 10.41 -3.61
C TYR A 87 -24.90 10.34 -3.98
N ASP A 88 -24.15 9.49 -3.28
CA ASP A 88 -22.77 9.18 -3.67
C ASP A 88 -22.84 8.30 -4.92
N ALA A 89 -22.48 8.89 -6.06
CA ALA A 89 -22.63 8.21 -7.36
C ALA A 89 -21.78 6.96 -7.50
N LEU A 90 -20.74 6.80 -6.69
CA LEU A 90 -19.93 5.57 -6.82
C LEU A 90 -20.70 4.32 -6.43
N PHE A 91 -21.83 4.49 -5.74
CA PHE A 91 -22.71 3.36 -5.43
C PHE A 91 -23.80 3.13 -6.47
N ASP A 92 -23.81 3.95 -7.51
CA ASP A 92 -24.75 3.83 -8.63
C ASP A 92 -24.02 3.10 -9.78
N PRO A 93 -24.52 1.92 -10.19
CA PRO A 93 -23.81 1.22 -11.27
C PRO A 93 -23.69 2.04 -12.56
N ASP A 94 -24.73 2.79 -12.91
CA ASP A 94 -24.70 3.58 -14.13
CA ASP A 94 -24.71 3.55 -14.14
C ASP A 94 -23.67 4.69 -14.08
N ALA A 95 -23.57 5.35 -12.93
CA ALA A 95 -22.61 6.44 -12.79
C ALA A 95 -21.18 5.88 -12.82
N ALA A 96 -20.94 4.76 -12.14
CA ALA A 96 -19.62 4.13 -12.20
C ALA A 96 -19.26 3.71 -13.63
N ARG A 97 -20.23 3.15 -14.36
CA ARG A 97 -19.99 2.82 -15.74
C ARG A 97 -19.67 4.06 -16.58
N HIS A 98 -20.36 5.19 -16.29
CA HIS A 98 -20.06 6.43 -17.00
C HIS A 98 -18.60 6.85 -16.80
N LEU A 99 -18.11 6.79 -15.56
CA LEU A 99 -16.71 7.11 -15.31
C LEU A 99 -15.81 6.18 -16.10
N LEU A 100 -16.11 4.88 -16.09
CA LEU A 100 -15.29 3.97 -16.85
C LEU A 100 -15.28 4.29 -18.35
N ARG A 101 -16.42 4.74 -18.87
CA ARG A 101 -16.53 5.13 -20.27
C ARG A 101 -15.71 6.39 -20.56
N LEU A 102 -15.62 7.31 -19.59
CA LEU A 102 -14.77 8.49 -19.79
C LEU A 102 -13.31 8.09 -19.84
N VAL A 103 -12.90 7.16 -18.97
CA VAL A 103 -11.56 6.61 -19.05
C VAL A 103 -11.33 5.98 -20.43
N ASP A 104 -12.26 5.13 -20.85
CA ASP A 104 -12.12 4.39 -22.10
C ASP A 104 -11.89 5.31 -23.31
N ALA A 105 -12.58 6.44 -23.31
CA ALA A 105 -12.50 7.42 -24.38
C ALA A 105 -11.31 8.38 -24.29
N SER A 106 -10.55 8.29 -23.20
CA SER A 106 -9.52 9.31 -22.90
C SER A 106 -10.10 10.71 -23.00
N ALA A 107 -11.28 10.87 -22.37
CA ALA A 107 -12.04 12.11 -22.45
C ALA A 107 -11.41 13.26 -21.67
N THR A 108 -11.68 14.47 -22.13
CA THR A 108 -11.41 15.65 -21.35
C THR A 108 -12.72 16.33 -21.09
N VAL A 109 -13.04 16.55 -19.82
CA VAL A 109 -14.27 17.24 -19.46
C VAL A 109 -13.85 18.41 -18.57
N ALA A 110 -13.98 19.63 -19.08
CA ALA A 110 -13.44 20.80 -18.40
C ALA A 110 -11.96 20.56 -17.99
N ASP A 111 -11.66 20.62 -16.69
CA ASP A 111 -10.27 20.42 -16.21
C ASP A 111 -10.02 18.98 -15.74
N LEU A 112 -10.91 18.06 -16.11
CA LEU A 112 -10.73 16.64 -15.82
C LEU A 112 -10.17 15.92 -17.04
N ARG A 113 -9.07 15.22 -16.86
CA ARG A 113 -8.38 14.56 -17.96
C ARG A 113 -8.35 13.07 -17.65
N PHE A 114 -9.01 12.30 -18.50
CA PHE A 114 -9.07 10.84 -18.40
C PHE A 114 -8.16 10.25 -19.47
N THR A 115 -7.53 9.12 -19.16
CA THR A 115 -6.68 8.47 -20.14
CA THR A 115 -6.56 8.48 -20.03
C THR A 115 -6.77 6.97 -20.04
N ARG A 116 -6.97 6.35 -21.20
CA ARG A 116 -6.92 4.91 -21.31
C ARG A 116 -5.52 4.52 -21.72
N GLU A 117 -4.92 3.53 -21.06
CA GLU A 117 -3.58 3.10 -21.48
C GLU A 117 -3.61 2.55 -22.89
N PRO A 118 -2.58 2.82 -23.70
CA PRO A 118 -2.66 2.41 -25.12
C PRO A 118 -2.78 0.89 -25.21
N GLY A 119 -3.68 0.49 -26.09
CA GLY A 119 -3.95 -0.92 -26.30
C GLY A 119 -4.82 -1.59 -25.25
N ALA A 120 -5.20 -0.91 -24.17
CA ALA A 120 -6.04 -1.52 -23.12
C ALA A 120 -7.49 -1.68 -23.54
N THR A 121 -8.13 -2.72 -22.98
CA THR A 121 -9.56 -2.95 -23.13
C THR A 121 -10.19 -2.85 -21.76
N LEU A 122 -11.25 -2.05 -21.67
CA LEU A 122 -12.01 -1.87 -20.44
CA LEU A 122 -12.02 -1.86 -20.44
C LEU A 122 -13.36 -2.59 -20.52
N PRO A 123 -13.79 -3.17 -19.40
CA PRO A 123 -15.01 -4.00 -19.40
C PRO A 123 -16.27 -3.19 -19.26
N LEU A 124 -16.59 -2.40 -20.28
CA LEU A 124 -17.72 -1.51 -20.20
C LEU A 124 -19.04 -2.27 -20.02
N TYR A 125 -19.07 -3.57 -20.35
CA TYR A 125 -20.30 -4.36 -20.23
C TYR A 125 -20.53 -4.93 -18.85
N ALA A 126 -19.50 -4.93 -17.99
CA ALA A 126 -19.54 -5.78 -16.81
C ALA A 126 -20.29 -5.13 -15.65
N PRO A 127 -20.92 -5.95 -14.80
CA PRO A 127 -21.67 -5.37 -13.68
C PRO A 127 -20.76 -4.71 -12.64
N PRO A 128 -20.99 -3.42 -12.35
CA PRO A 128 -20.16 -2.77 -11.33
C PRO A 128 -20.68 -3.05 -9.93
N LYS A 129 -19.77 -3.35 -8.99
CA LYS A 129 -20.12 -3.63 -7.60
C LYS A 129 -19.08 -2.93 -6.70
N VAL A 130 -19.55 -2.14 -5.73
CA VAL A 130 -18.61 -1.49 -4.82
C VAL A 130 -17.96 -2.51 -3.91
N SER A 131 -16.64 -2.44 -3.82
CA SER A 131 -15.87 -3.32 -2.95
C SER A 131 -15.94 -2.80 -1.53
N SER A 132 -16.36 -3.64 -0.59
CA SER A 132 -16.49 -3.20 0.79
C SER A 132 -15.14 -3.24 1.52
N ALA A 133 -14.18 -3.97 0.95
CA ALA A 133 -12.86 -4.13 1.54
C ALA A 133 -12.02 -2.85 1.43
N GLU A 134 -12.25 -2.08 0.38
CA GLU A 134 -11.49 -0.84 0.17
C GLU A 134 -11.92 0.22 1.17
N GLN A 135 -10.96 0.70 1.96
CA GLN A 135 -11.26 1.52 3.14
C GLN A 135 -10.89 3.00 2.97
N SER A 136 -9.69 3.26 2.47
CA SER A 136 -9.17 4.61 2.28
C SER A 136 -9.75 5.36 1.07
N ASN A 137 -10.02 4.62 -0.01
CA ASN A 137 -10.59 5.18 -1.22
C ASN A 137 -11.90 4.43 -1.47
N THR A 138 -12.45 4.55 -2.67
CA THR A 138 -13.63 3.77 -3.05
C THR A 138 -13.31 2.98 -4.29
N SER A 139 -13.49 1.66 -4.23
CA SER A 139 -13.25 0.81 -5.38
C SER A 139 -14.51 0.15 -5.92
N VAL A 140 -14.65 0.16 -7.23
CA VAL A 140 -15.78 -0.49 -7.88
C VAL A 140 -15.20 -1.58 -8.80
N ILE A 141 -15.63 -2.83 -8.59
CA ILE A 141 -15.14 -3.94 -9.38
C ILE A 141 -16.13 -4.25 -10.50
N PHE A 142 -15.64 -4.22 -11.73
CA PHE A 142 -16.48 -4.49 -12.88
C PHE A 142 -16.37 -5.95 -13.26
N GLY A 143 -17.42 -6.71 -12.97
CA GLY A 143 -17.42 -8.13 -13.21
C GLY A 143 -16.23 -8.81 -12.57
N LYS A 144 -15.52 -9.57 -13.40
CA LYS A 144 -14.28 -10.23 -13.02
C LYS A 144 -13.11 -9.65 -13.79
N ASP A 145 -13.27 -8.46 -14.36
CA ASP A 145 -12.29 -7.99 -15.31
C ASP A 145 -11.45 -6.79 -14.88
N ALA A 146 -12.06 -5.81 -14.18
CA ALA A 146 -11.28 -4.61 -13.84
C ALA A 146 -11.79 -3.94 -12.61
N MET A 147 -10.90 -3.19 -11.96
CA MET A 147 -11.28 -2.45 -10.78
CA MET A 147 -11.29 -2.46 -10.79
C MET A 147 -11.02 -0.96 -11.00
N LEU A 148 -12.04 -0.16 -10.73
CA LEU A 148 -11.93 1.29 -10.77
C LEU A 148 -11.73 1.77 -9.35
N LYS A 149 -10.60 2.40 -9.09
CA LYS A 149 -10.37 2.94 -7.75
C LYS A 149 -10.46 4.46 -7.84
N VAL A 150 -11.37 5.03 -7.07
CA VAL A 150 -11.58 6.47 -7.08
C VAL A 150 -11.02 7.02 -5.77
N PHE A 151 -10.04 7.91 -5.88
CA PHE A 151 -9.40 8.42 -4.68
C PHE A 151 -10.33 9.33 -3.89
N ARG A 152 -10.31 9.20 -2.57
CA ARG A 152 -11.14 10.08 -1.75
C ARG A 152 -10.36 11.33 -1.36
N ARG A 153 -9.40 11.23 -0.45
CA ARG A 153 -8.53 12.38 -0.20
C ARG A 153 -7.61 12.51 -1.41
N VAL A 154 -7.50 13.73 -1.95
CA VAL A 154 -6.60 13.99 -3.06
C VAL A 154 -5.59 15.08 -2.79
N THR A 155 -4.44 14.93 -3.43
CA THR A 155 -3.27 15.74 -3.10
C THR A 155 -2.51 16.05 -4.39
N PRO A 156 -1.77 17.15 -4.41
CA PRO A 156 -1.02 17.50 -5.63
C PRO A 156 0.25 16.69 -5.85
N GLY A 157 0.60 16.50 -7.11
CA GLY A 157 1.84 15.86 -7.48
C GLY A 157 1.63 14.56 -8.25
N ILE A 158 2.73 13.91 -8.56
CA ILE A 158 2.67 12.67 -9.25
C ILE A 158 2.25 11.53 -8.29
N ASN A 159 1.20 10.82 -8.61
CA ASN A 159 0.76 9.71 -7.76
C ASN A 159 1.67 8.49 -7.99
N PRO A 160 2.37 8.00 -6.94
CA PRO A 160 3.33 6.90 -7.21
C PRO A 160 2.67 5.59 -7.60
N ASP A 161 1.44 5.33 -7.15
CA ASP A 161 0.80 4.07 -7.48
C ASP A 161 0.51 4.05 -9.00
N ILE A 162 -0.07 5.11 -9.52
CA ILE A 162 -0.29 5.21 -10.97
C ILE A 162 1.03 5.23 -11.72
N GLU A 163 1.96 6.04 -11.23
CA GLU A 163 3.25 6.24 -11.92
C GLU A 163 3.99 4.91 -12.09
N LEU A 164 4.17 4.17 -11.00
CA LEU A 164 4.99 2.96 -11.09
C LEU A 164 4.23 1.84 -11.77
N ASN A 165 2.92 1.77 -11.56
CA ASN A 165 2.13 0.80 -12.31
C ASN A 165 2.19 1.04 -13.82
N ARG A 166 2.15 2.31 -14.23
CA ARG A 166 2.28 2.60 -15.64
C ARG A 166 3.65 2.19 -16.19
N VAL A 167 4.73 2.51 -15.47
CA VAL A 167 6.05 2.09 -15.93
C VAL A 167 6.07 0.57 -16.11
N LEU A 168 5.57 -0.15 -15.12
CA LEU A 168 5.64 -1.61 -15.15
C LEU A 168 4.79 -2.17 -16.29
N ALA A 169 3.58 -1.66 -16.45
CA ALA A 169 2.72 -2.17 -17.52
C ALA A 169 3.27 -1.86 -18.91
N GLN A 170 3.75 -0.64 -19.10
CA GLN A 170 4.22 -0.27 -20.40
C GLN A 170 5.51 -0.99 -20.76
N ALA A 171 6.26 -1.48 -19.75
CA ALA A 171 7.45 -2.27 -20.03
C ALA A 171 7.13 -3.74 -20.21
N GLY A 172 5.87 -4.12 -20.04
CA GLY A 172 5.48 -5.53 -20.18
C GLY A 172 5.75 -6.41 -18.95
N ASN A 173 5.93 -5.81 -17.78
CA ASN A 173 6.19 -6.63 -16.61
C ASN A 173 4.92 -7.33 -16.19
N ARG A 174 5.01 -8.65 -16.01
CA ARG A 174 3.78 -9.39 -15.71
C ARG A 174 3.37 -9.44 -14.25
N HIS A 175 4.19 -8.89 -13.37
CA HIS A 175 3.92 -9.04 -11.95
C HIS A 175 3.19 -7.85 -11.36
N VAL A 176 2.19 -7.37 -12.08
CA VAL A 176 1.33 -6.31 -11.61
C VAL A 176 -0.11 -6.63 -11.94
N ALA A 177 -1.02 -5.97 -11.23
CA ALA A 177 -2.42 -5.90 -11.66
C ALA A 177 -2.45 -4.73 -12.64
N ARG A 178 -2.46 -5.06 -13.93
CA ARG A 178 -2.04 -4.11 -14.96
C ARG A 178 -2.88 -2.84 -14.99
N LEU A 179 -2.20 -1.69 -15.02
CA LEU A 179 -2.91 -0.40 -15.17
C LEU A 179 -3.60 -0.34 -16.54
N LEU A 180 -4.90 -0.06 -16.55
CA LEU A 180 -5.66 0.06 -17.79
C LEU A 180 -6.05 1.50 -18.11
N GLY A 181 -6.05 2.37 -17.10
CA GLY A 181 -6.38 3.77 -17.33
C GLY A 181 -6.28 4.55 -16.04
N SER A 182 -6.48 5.86 -16.13
CA SER A 182 -6.38 6.71 -14.93
C SER A 182 -7.04 8.03 -15.25
N PHE A 183 -7.23 8.87 -14.23
CA PHE A 183 -7.70 10.22 -14.50
C PHE A 183 -7.20 11.18 -13.46
N GLU A 184 -7.18 12.46 -13.82
CA GLU A 184 -6.55 13.49 -12.98
C GLU A 184 -7.16 14.84 -13.28
N THR A 185 -6.78 15.82 -12.49
CA THR A 185 -7.21 17.19 -12.70
C THR A 185 -6.07 18.08 -12.25
N SER A 186 -6.31 19.39 -12.12
CA SER A 186 -5.27 20.29 -11.61
C SER A 186 -5.62 20.69 -10.22
N TRP A 187 -4.63 21.22 -9.51
CA TRP A 187 -4.78 21.52 -8.10
C TRP A 187 -5.42 22.87 -7.89
N ALA A 188 -5.11 23.83 -8.78
CA ALA A 188 -5.60 25.19 -8.59
C ALA A 188 -6.01 25.79 -9.94
N GLY A 189 -6.80 25.02 -10.69
CA GLY A 189 -7.24 25.40 -12.00
C GLY A 189 -6.22 25.07 -13.07
N PRO A 190 -6.65 25.18 -14.33
CA PRO A 190 -5.83 24.91 -15.52
C PRO A 190 -4.44 25.51 -15.39
N GLY A 191 -3.41 24.73 -15.72
CA GLY A 191 -2.05 25.21 -15.69
C GLY A 191 -1.30 25.11 -14.37
N THR A 192 -1.93 24.52 -13.35
CA THR A 192 -1.29 24.36 -12.05
C THR A 192 -0.90 22.88 -11.82
N ASP A 193 -0.47 22.54 -10.60
CA ASP A 193 0.02 21.18 -10.30
C ASP A 193 -1.04 20.14 -10.57
N ARG A 194 -0.62 18.99 -11.09
CA ARG A 194 -1.56 17.90 -11.33
C ARG A 194 -2.08 17.31 -10.01
N CYS A 195 -3.26 16.72 -10.09
CA CYS A 195 -3.90 16.07 -8.95
C CYS A 195 -4.51 14.78 -9.43
N ALA A 196 -3.95 13.64 -9.04
CA ALA A 196 -4.48 12.35 -9.47
C ALA A 196 -5.84 12.08 -8.82
N LEU A 197 -6.75 11.50 -9.60
CA LEU A 197 -8.12 11.26 -9.12
C LEU A 197 -8.52 9.78 -9.05
N GLY A 198 -7.91 8.92 -9.86
CA GLY A 198 -8.27 7.52 -9.80
C GLY A 198 -7.54 6.71 -10.84
N MET A 199 -7.80 5.40 -10.80
CA MET A 199 -7.07 4.45 -11.65
C MET A 199 -7.92 3.24 -11.94
N VAL A 200 -7.65 2.60 -13.06
CA VAL A 200 -8.35 1.38 -13.43
C VAL A 200 -7.29 0.32 -13.61
N THR A 201 -7.47 -0.84 -12.97
CA THR A 201 -6.49 -1.93 -13.08
C THR A 201 -7.19 -3.23 -13.45
N ALA A 202 -6.48 -4.12 -14.13
CA ALA A 202 -6.99 -5.46 -14.40
C ALA A 202 -7.23 -6.17 -13.09
N PHE A 203 -8.33 -6.90 -13.01
CA PHE A 203 -8.67 -7.61 -11.80
C PHE A 203 -8.43 -9.09 -12.02
N ALA A 204 -7.85 -9.73 -11.02
CA ALA A 204 -7.59 -11.16 -11.09
C ALA A 204 -8.56 -11.87 -10.19
N ALA A 205 -9.53 -12.56 -10.81
CA ALA A 205 -10.34 -13.49 -10.08
C ALA A 205 -9.44 -14.68 -9.76
N ASN A 206 -9.85 -15.41 -8.74
CA ASN A 206 -9.18 -16.64 -8.39
C ASN A 206 -7.77 -16.36 -7.86
N SER A 207 -7.60 -15.21 -7.22
CA SER A 207 -6.32 -14.95 -6.58
C SER A 207 -6.32 -15.19 -5.07
N ALA A 208 -5.14 -15.31 -4.49
CA ALA A 208 -5.00 -15.48 -3.05
C ALA A 208 -3.99 -14.44 -2.57
N GLU A 209 -4.22 -13.88 -1.40
CA GLU A 209 -3.28 -12.93 -0.83
C GLU A 209 -2.07 -13.67 -0.26
N GLY A 210 -0.86 -13.14 -0.44
CA GLY A 210 0.33 -13.79 0.06
C GLY A 210 0.23 -14.03 1.57
N TRP A 211 -0.33 -13.08 2.29
CA TRP A 211 -0.39 -13.19 3.74
C TRP A 211 -1.27 -14.38 4.13
N ASP A 212 -2.37 -14.59 3.41
CA ASP A 212 -3.26 -15.70 3.73
C ASP A 212 -2.59 -17.02 3.43
N MET A 213 -1.88 -17.12 2.29
CA MET A 213 -1.16 -18.36 1.97
C MET A 213 -0.04 -18.66 2.98
N ALA A 214 0.69 -17.63 3.36
CA ALA A 214 1.78 -17.80 4.30
C ALA A 214 1.23 -18.25 5.65
N THR A 215 0.22 -17.56 6.17
CA THR A 215 -0.29 -17.94 7.50
C THR A 215 -0.86 -19.35 7.49
N ALA A 216 -1.53 -19.74 6.42
CA ALA A 216 -2.05 -21.10 6.35
C ALA A 216 -0.90 -22.12 6.44
N SER A 217 0.18 -21.86 5.71
CA SER A 217 1.36 -22.73 5.77
C SER A 217 2.00 -22.78 7.16
N ALA A 218 2.10 -21.62 7.80
CA ALA A 218 2.73 -21.50 9.11
C ALA A 218 1.85 -22.05 10.23
N ARG A 219 0.60 -22.37 9.94
CA ARG A 219 -0.33 -22.91 10.94
C ARG A 219 -0.60 -24.41 10.78
N GLU A 220 -0.06 -25.04 9.74
CA GLU A 220 -0.31 -26.45 9.51
CA GLU A 220 -0.31 -26.46 9.51
C GLU A 220 0.12 -27.26 10.72
N MET A 221 -0.77 -28.10 11.24
CA MET A 221 -0.44 -28.85 12.44
C MET A 221 0.54 -29.98 12.18
N PHE A 222 1.44 -30.16 13.12
CA PHE A 222 2.44 -31.25 13.09
C PHE A 222 3.42 -31.09 11.95
N ALA A 223 3.59 -29.85 11.50
CA ALA A 223 4.52 -29.57 10.42
C ALA A 223 5.94 -29.27 10.90
N ASP A 224 6.50 -30.18 11.72
CA ASP A 224 7.83 -29.94 12.28
C ASP A 224 8.93 -30.02 11.24
N VAL A 225 8.68 -30.80 10.19
CA VAL A 225 9.58 -30.84 9.04
C VAL A 225 8.98 -29.88 8.03
N VAL A 226 9.64 -28.73 7.84
CA VAL A 226 9.12 -27.69 6.95
C VAL A 226 8.99 -28.22 5.54
N GLY A 227 7.88 -27.86 4.92
CA GLY A 227 7.54 -28.33 3.60
C GLY A 227 8.13 -27.52 2.45
N SER A 228 8.14 -28.17 1.31
CA SER A 228 8.70 -27.56 0.13
C SER A 228 7.66 -26.78 -0.66
N ASP A 229 6.37 -27.02 -0.49
CA ASP A 229 5.39 -26.36 -1.35
CA ASP A 229 5.38 -26.36 -1.35
C ASP A 229 5.42 -24.85 -1.15
N PHE A 230 5.40 -24.42 0.12
CA PHE A 230 5.44 -22.97 0.36
C PHE A 230 6.79 -22.37 0.10
N ALA A 231 7.86 -23.13 0.29
CA ALA A 231 9.18 -22.66 -0.14
C ALA A 231 9.19 -22.42 -1.66
N ASP A 232 8.56 -23.29 -2.45
CA ASP A 232 8.51 -23.08 -3.90
C ASP A 232 7.79 -21.75 -4.19
N GLU A 233 6.69 -21.48 -3.49
CA GLU A 233 5.98 -20.23 -3.67
C GLU A 233 6.82 -19.03 -3.27
N SER A 234 7.57 -19.17 -2.15
CA SER A 234 8.44 -18.07 -1.71
C SER A 234 9.52 -17.76 -2.74
N TYR A 235 10.05 -18.81 -3.36
CA TYR A 235 11.03 -18.63 -4.42
C TYR A 235 10.44 -17.88 -5.59
N ARG A 236 9.25 -18.31 -6.03
CA ARG A 236 8.57 -17.61 -7.14
C ARG A 236 8.25 -16.17 -6.78
N LEU A 237 7.90 -15.93 -5.50
CA LEU A 237 7.68 -14.56 -5.05
C LEU A 237 8.97 -13.72 -5.15
N GLY A 238 10.09 -14.31 -4.75
CA GLY A 238 11.38 -13.65 -4.91
C GLY A 238 11.70 -13.31 -6.36
N ASN A 239 11.43 -14.25 -7.26
CA ASN A 239 11.57 -13.98 -8.69
C ASN A 239 10.76 -12.73 -9.06
N ALA A 240 9.50 -12.65 -8.59
CA ALA A 240 8.59 -11.57 -9.00
C ALA A 240 9.08 -10.20 -8.46
N VAL A 241 9.50 -10.17 -7.21
CA VAL A 241 9.95 -8.90 -6.60
C VAL A 241 11.21 -8.43 -7.34
N ALA A 242 12.17 -9.34 -7.61
CA ALA A 242 13.37 -8.94 -8.33
C ALA A 242 13.05 -8.47 -9.75
N SER A 243 12.06 -9.10 -10.39
CA SER A 243 11.68 -8.71 -11.75
C SER A 243 11.10 -7.29 -11.73
N VAL A 244 10.23 -6.99 -10.75
CA VAL A 244 9.67 -5.65 -10.63
C VAL A 244 10.80 -4.64 -10.38
N HIS A 245 11.72 -4.98 -9.45
CA HIS A 245 12.84 -4.07 -9.20
C HIS A 245 13.64 -3.81 -10.47
N ALA A 246 13.91 -4.86 -11.24
CA ALA A 246 14.74 -4.70 -12.44
C ALA A 246 14.07 -3.76 -13.43
N THR A 247 12.76 -3.94 -13.64
CA THR A 247 12.07 -3.04 -14.57
C THR A 247 12.09 -1.59 -14.09
N LEU A 248 11.87 -1.39 -12.79
CA LEU A 248 11.90 -0.05 -12.23
C LEU A 248 13.29 0.58 -12.34
N ALA A 249 14.34 -0.20 -12.11
CA ALA A 249 15.72 0.31 -12.18
C ALA A 249 16.04 0.77 -13.58
N GLU A 250 15.66 -0.05 -14.57
CA GLU A 250 15.94 0.31 -15.94
C GLU A 250 15.19 1.58 -16.34
N ALA A 251 13.91 1.67 -15.98
CA ALA A 251 13.11 2.82 -16.45
C ALA A 251 13.50 4.10 -15.69
N LEU A 252 13.59 4.01 -14.35
CA LEU A 252 13.67 5.20 -13.56
C LEU A 252 15.04 5.45 -12.94
N GLY A 253 15.99 4.59 -13.26
CA GLY A 253 17.37 4.83 -12.93
C GLY A 253 17.84 4.31 -11.59
N THR A 254 19.15 4.31 -11.41
CA THR A 254 19.75 4.02 -10.14
C THR A 254 20.73 5.09 -9.81
N SER A 255 21.00 5.22 -8.52
CA SER A 255 21.97 6.20 -8.03
C SER A 255 22.58 5.70 -6.73
N THR A 256 23.57 6.40 -6.22
CA THR A 256 24.25 6.03 -4.99
CA THR A 256 24.16 5.99 -4.96
C THR A 256 24.07 7.10 -3.94
N GLU A 257 23.85 6.69 -2.70
CA GLU A 257 23.73 7.57 -1.55
C GLU A 257 24.40 6.90 -0.37
N PRO A 258 24.75 7.67 0.66
CA PRO A 258 25.23 7.02 1.87
C PRO A 258 24.10 6.33 2.62
N PHE A 259 24.42 5.24 3.30
CA PHE A 259 23.42 4.58 4.15
C PHE A 259 22.87 5.67 5.11
N PRO A 260 21.55 5.70 5.30
CA PRO A 260 20.94 6.84 6.00
C PRO A 260 20.97 6.71 7.52
N VAL A 261 22.18 6.74 8.06
CA VAL A 261 22.37 6.52 9.50
C VAL A 261 21.55 7.50 10.32
N ASP A 262 21.57 8.78 9.97
CA ASP A 262 20.84 9.74 10.80
C ASP A 262 19.32 9.48 10.80
N THR A 263 18.78 9.07 9.65
CA THR A 263 17.35 8.81 9.56
C THR A 263 16.97 7.63 10.43
N VAL A 264 17.74 6.55 10.35
CA VAL A 264 17.41 5.37 11.16
C VAL A 264 17.67 5.61 12.65
N LEU A 265 18.65 6.46 12.96
CA LEU A 265 18.83 6.80 14.35
C LEU A 265 17.65 7.62 14.91
N ALA A 266 17.14 8.56 14.11
CA ALA A 266 16.00 9.37 14.57
C ALA A 266 14.78 8.47 14.79
N ARG A 267 14.60 7.48 13.93
CA ARG A 267 13.49 6.52 14.10
C ARG A 267 13.67 5.69 15.37
N LEU A 268 14.91 5.28 15.65
CA LEU A 268 15.19 4.54 16.86
C LEU A 268 14.91 5.39 18.11
N GLN A 269 15.32 6.66 18.10
CA GLN A 269 15.08 7.53 19.24
CA GLN A 269 15.08 7.55 19.24
C GLN A 269 13.59 7.71 19.51
N SER A 270 12.81 7.88 18.44
CA SER A 270 11.39 8.04 18.58
C SER A 270 10.74 6.74 19.10
N ALA A 271 11.15 5.61 18.51
CA ALA A 271 10.57 4.35 18.90
C ALA A 271 10.83 4.05 20.36
N ALA A 272 12.04 4.35 20.82
CA ALA A 272 12.40 4.05 22.20
C ALA A 272 11.51 4.80 23.19
N ARG A 273 10.83 5.84 22.73
CA ARG A 273 9.95 6.60 23.60
C ARG A 273 8.60 5.91 23.75
N SER A 274 8.24 5.12 22.77
CA SER A 274 6.97 4.41 22.75
C SER A 274 7.09 3.05 23.43
N ALA A 275 8.29 2.47 23.34
CA ALA A 275 8.54 1.12 23.84
C ALA A 275 9.79 1.17 24.73
N PRO A 276 9.61 1.23 26.06
CA PRO A 276 10.74 1.27 27.02
C PRO A 276 11.67 0.07 26.91
N GLU A 277 11.11 -1.05 26.47
CA GLU A 277 11.85 -2.26 26.23
C GLU A 277 13.00 -1.97 25.27
N LEU A 278 12.82 -1.02 24.36
CA LEU A 278 13.86 -0.66 23.41
C LEU A 278 15.10 0.02 23.99
N ALA A 279 14.95 0.78 25.08
CA ALA A 279 16.10 1.43 25.70
C ALA A 279 17.24 0.45 25.97
N GLY A 280 16.87 -0.75 26.41
CA GLY A 280 17.87 -1.77 26.69
C GLY A 280 18.60 -2.29 25.48
N ARG A 281 18.07 -1.96 24.30
CA ARG A 281 18.71 -2.40 23.07
C ARG A 281 19.21 -1.24 22.24
N ALA A 282 18.86 -0.01 22.63
CA ALA A 282 19.16 1.10 21.75
C ALA A 282 20.65 1.32 21.50
N ALA A 283 21.49 1.14 22.52
CA ALA A 283 22.92 1.29 22.30
C ALA A 283 23.45 0.28 21.29
N ALA A 284 22.99 -0.97 21.38
CA ALA A 284 23.47 -1.96 20.43
C ALA A 284 22.99 -1.67 19.01
N VAL A 285 21.74 -1.23 18.89
CA VAL A 285 21.20 -0.90 17.58
C VAL A 285 22.01 0.25 16.98
N GLU A 286 22.21 1.30 17.77
CA GLU A 286 22.92 2.47 17.28
C GLU A 286 24.34 2.11 16.83
N GLU A 287 25.03 1.24 17.57
CA GLU A 287 26.37 0.80 17.17
C GLU A 287 26.36 0.16 15.78
N ARG A 288 25.39 -0.71 15.52
CA ARG A 288 25.32 -1.40 14.22
C ARG A 288 25.07 -0.39 13.11
N TYR A 289 24.13 0.54 13.35
CA TYR A 289 23.85 1.56 12.33
C TYR A 289 25.09 2.41 12.07
N ARG A 290 25.77 2.84 13.13
CA ARG A 290 26.93 3.71 12.95
C ARG A 290 28.09 3.03 12.22
N ARG A 291 28.15 1.69 12.27
CA ARG A 291 29.14 0.94 11.51
CA ARG A 291 29.15 0.96 11.49
C ARG A 291 28.93 1.08 10.01
N LEU A 292 27.72 1.51 9.60
CA LEU A 292 27.40 1.76 8.21
C LEU A 292 27.61 3.22 7.79
N ASP A 293 28.18 4.05 8.68
CA ASP A 293 28.42 5.45 8.33
CA ASP A 293 28.38 5.45 8.30
C ASP A 293 29.33 5.50 7.13
N GLY A 294 28.90 6.17 6.07
CA GLY A 294 29.73 6.33 4.87
C GLY A 294 29.60 5.21 3.86
N ARG A 295 28.90 4.13 4.19
CA ARG A 295 28.68 3.02 3.26
C ARG A 295 27.80 3.50 2.12
N ALA A 296 28.31 3.37 0.90
CA ALA A 296 27.53 3.75 -0.28
C ALA A 296 26.53 2.66 -0.59
N ILE A 297 25.27 3.05 -0.80
CA ILE A 297 24.26 2.11 -1.21
C ILE A 297 23.65 2.49 -2.53
N THR A 298 23.28 1.48 -3.26
CA THR A 298 22.59 1.68 -4.52
C THR A 298 21.10 1.83 -4.26
N VAL A 299 20.51 2.88 -4.82
CA VAL A 299 19.09 3.14 -4.63
C VAL A 299 18.38 3.25 -5.99
N GLN A 300 17.08 3.04 -5.98
CA GLN A 300 16.27 3.07 -7.20
C GLN A 300 14.83 3.27 -6.76
N ARG A 301 13.89 3.42 -7.70
CA ARG A 301 12.49 3.47 -7.30
C ARG A 301 12.09 2.07 -6.83
N VAL A 302 11.33 2.01 -5.74
CA VAL A 302 10.98 0.74 -5.12
C VAL A 302 9.50 0.73 -4.77
N HIS A 303 8.99 -0.38 -4.30
CA HIS A 303 7.61 -0.45 -3.87
C HIS A 303 7.37 0.40 -2.63
N GLY A 304 8.22 0.25 -1.63
CA GLY A 304 8.16 1.15 -0.50
C GLY A 304 7.29 0.79 0.68
N ASP A 305 6.40 -0.18 0.50
CA ASP A 305 5.58 -0.63 1.63
C ASP A 305 5.31 -2.12 1.41
N LEU A 306 6.38 -2.89 1.22
CA LEU A 306 6.23 -4.26 0.71
C LEU A 306 6.16 -5.28 1.87
N HIS A 307 5.16 -6.15 1.79
CA HIS A 307 4.94 -7.18 2.77
C HIS A 307 3.95 -8.15 2.13
N LEU A 308 3.62 -9.24 2.81
CA LEU A 308 2.83 -10.28 2.16
C LEU A 308 1.38 -9.88 1.89
N GLY A 309 0.90 -8.82 2.53
CA GLY A 309 -0.41 -8.26 2.20
C GLY A 309 -0.49 -7.55 0.86
N GLN A 310 0.67 -7.25 0.27
CA GLN A 310 0.76 -6.47 -0.98
C GLN A 310 1.06 -7.34 -2.17
N VAL A 311 0.99 -8.66 -1.99
CA VAL A 311 1.26 -9.51 -3.12
C VAL A 311 0.12 -10.51 -3.29
N LEU A 312 -0.22 -10.80 -4.54
CA LEU A 312 -1.38 -11.66 -4.86
C LEU A 312 -0.86 -12.80 -5.72
N ARG A 313 -1.35 -14.01 -5.46
CA ARG A 313 -1.01 -15.14 -6.30
C ARG A 313 -2.21 -15.43 -7.21
N THR A 314 -2.05 -15.20 -8.51
CA THR A 314 -3.10 -15.58 -9.44
C THR A 314 -2.82 -17.02 -9.84
N PRO A 315 -3.67 -17.62 -10.67
CA PRO A 315 -3.33 -18.97 -11.12
C PRO A 315 -1.99 -19.02 -11.85
N ASP A 316 -1.53 -17.90 -12.40
CA ASP A 316 -0.30 -17.90 -13.19
C ASP A 316 0.93 -17.24 -12.56
N ASP A 317 0.75 -16.23 -11.72
CA ASP A 317 1.90 -15.47 -11.26
C ASP A 317 1.67 -14.82 -9.93
N TRP A 318 2.75 -14.40 -9.29
CA TRP A 318 2.67 -13.42 -8.21
C TRP A 318 2.60 -12.01 -8.79
N LEU A 319 1.69 -11.20 -8.25
CA LEU A 319 1.63 -9.80 -8.62
C LEU A 319 1.95 -8.96 -7.40
N LEU A 320 2.58 -7.81 -7.61
CA LEU A 320 2.74 -6.81 -6.54
C LEU A 320 1.70 -5.73 -6.78
N ILE A 321 1.05 -5.27 -5.71
CA ILE A 321 0.06 -4.22 -5.82
C ILE A 321 0.31 -3.13 -4.79
N ASP A 322 -0.33 -1.98 -5.01
CA ASP A 322 -0.39 -0.89 -4.03
C ASP A 322 0.97 -0.19 -3.84
N PHE A 323 1.37 0.55 -4.88
CA PHE A 323 2.63 1.23 -4.95
C PHE A 323 2.60 2.68 -4.42
N GLU A 324 1.66 3.02 -3.54
N GLU A 324 1.66 2.99 -3.53
CA GLU A 324 1.62 4.40 -3.02
CA GLU A 324 1.56 4.33 -2.94
C GLU A 324 2.83 4.78 -2.19
C GLU A 324 2.83 4.75 -2.22
N GLY A 325 3.50 3.80 -1.59
CA GLY A 325 4.75 4.08 -0.90
C GLY A 325 4.67 4.13 0.61
N GLU A 326 5.76 4.59 1.23
CA GLU A 326 5.99 4.47 2.67
C GLU A 326 4.85 5.13 3.42
N PRO A 327 4.13 4.37 4.23
CA PRO A 327 2.92 4.93 4.84
C PRO A 327 3.21 6.08 5.80
N GLY A 328 2.35 7.08 5.81
CA GLY A 328 2.56 8.26 6.64
C GLY A 328 3.50 9.33 6.09
N GLN A 329 4.09 9.08 4.93
CA GLN A 329 5.07 10.01 4.40
C GLN A 329 4.42 10.89 3.33
N PRO A 330 4.89 12.12 3.20
CA PRO A 330 4.40 13.00 2.14
C PRO A 330 4.80 12.44 0.77
N LEU A 331 4.08 12.89 -0.26
CA LEU A 331 4.27 12.38 -1.64
C LEU A 331 5.73 12.45 -2.13
N ASP A 332 6.38 13.60 -1.92
CA ASP A 332 7.77 13.77 -2.39
C ASP A 332 8.69 12.71 -1.80
N GLU A 333 8.50 12.45 -0.51
CA GLU A 333 9.23 11.42 0.20
C GLU A 333 8.92 10.02 -0.35
N ARG A 334 7.64 9.81 -0.66
CA ARG A 334 7.21 8.50 -1.20
C ARG A 334 7.77 8.26 -2.59
N ARG A 335 8.19 9.31 -3.31
CA ARG A 335 8.81 9.12 -4.61
C ARG A 335 10.35 9.12 -4.58
N ARG A 336 10.96 9.24 -3.40
CA ARG A 336 12.40 9.10 -3.35
C ARG A 336 12.85 7.68 -3.67
N PRO A 337 13.98 7.54 -4.34
CA PRO A 337 14.55 6.20 -4.46
C PRO A 337 15.06 5.68 -3.13
N ASP A 338 15.14 4.35 -3.03
CA ASP A 338 15.60 3.70 -1.82
C ASP A 338 16.27 2.40 -2.19
N SER A 339 16.88 1.73 -1.22
CA SER A 339 17.50 0.45 -1.53
C SER A 339 16.47 -0.65 -1.85
N PRO A 340 16.71 -1.41 -2.92
CA PRO A 340 15.85 -2.60 -3.12
C PRO A 340 15.91 -3.54 -1.92
N LEU A 341 17.03 -3.52 -1.16
CA LEU A 341 17.14 -4.41 0.00
C LEU A 341 16.15 -4.02 1.06
N ARG A 342 15.69 -2.76 1.07
CA ARG A 342 14.68 -2.37 2.06
C ARG A 342 13.32 -3.03 1.73
N ASP A 343 13.00 -3.17 0.43
CA ASP A 343 11.80 -3.91 0.05
C ASP A 343 11.98 -5.40 0.42
N VAL A 344 13.16 -5.95 0.17
CA VAL A 344 13.42 -7.33 0.57
C VAL A 344 13.21 -7.48 2.09
N ALA A 345 13.78 -6.55 2.88
CA ALA A 345 13.62 -6.58 4.33
C ALA A 345 12.14 -6.59 4.70
N GLY A 346 11.31 -5.82 3.98
CA GLY A 346 9.89 -5.78 4.31
C GLY A 346 9.23 -7.14 4.14
N VAL A 347 9.59 -7.90 3.11
CA VAL A 347 9.06 -9.24 2.97
C VAL A 347 9.57 -10.16 4.08
N LEU A 348 10.86 -10.04 4.42
CA LEU A 348 11.40 -10.90 5.49
C LEU A 348 10.68 -10.65 6.82
N ARG A 349 10.40 -9.38 7.14
CA ARG A 349 9.65 -9.10 8.35
C ARG A 349 8.28 -9.73 8.31
N SER A 350 7.66 -9.67 7.13
CA SER A 350 6.33 -10.23 6.94
C SER A 350 6.31 -11.74 7.15
N PHE A 351 7.31 -12.46 6.64
CA PHE A 351 7.42 -13.89 6.97
C PHE A 351 7.47 -14.13 8.49
N GLU A 352 8.24 -13.32 9.20
CA GLU A 352 8.37 -13.48 10.65
CA GLU A 352 8.36 -13.54 10.64
C GLU A 352 7.01 -13.37 11.33
N TYR A 353 6.25 -12.33 10.98
CA TYR A 353 4.92 -12.19 11.55
C TYR A 353 3.98 -13.34 11.16
N ALA A 354 4.05 -13.81 9.92
CA ALA A 354 3.15 -14.87 9.48
C ALA A 354 3.35 -16.14 10.30
N ALA A 355 4.59 -16.42 10.67
CA ALA A 355 4.89 -17.61 11.47
C ALA A 355 4.62 -17.41 12.97
N TYR A 356 4.96 -16.24 13.49
CA TYR A 356 4.88 -16.05 14.92
C TYR A 356 3.55 -15.52 15.43
N GLN A 357 2.68 -15.07 14.54
CA GLN A 357 1.32 -14.72 14.98
C GLN A 357 0.69 -15.87 15.77
N LYS A 358 0.95 -17.11 15.37
CA LYS A 358 0.42 -18.25 16.06
C LYS A 358 0.82 -18.22 17.52
N LEU A 359 2.09 -17.93 17.77
CA LEU A 359 2.60 -18.10 19.12
C LEU A 359 2.06 -17.03 20.05
N VAL A 360 1.90 -15.81 19.55
CA VAL A 360 1.42 -14.78 20.48
C VAL A 360 -0.04 -14.98 20.81
N GLU A 361 -0.74 -15.78 20.00
CA GLU A 361 -2.16 -16.09 20.26
C GLU A 361 -2.41 -17.29 21.13
N LEU A 362 -1.37 -18.06 21.40
CA LEU A 362 -1.50 -19.21 22.29
C LEU A 362 -1.22 -18.83 23.73
N ALA A 363 -1.87 -19.55 24.64
CA ALA A 363 -1.48 -19.55 26.04
C ALA A 363 -0.09 -20.17 26.23
N PRO A 364 0.66 -19.71 27.24
CA PRO A 364 1.98 -20.28 27.49
C PRO A 364 1.96 -21.79 27.63
N GLU A 365 0.94 -22.32 28.30
CA GLU A 365 0.87 -23.77 28.49
C GLU A 365 0.75 -24.54 27.17
N GLN A 366 0.34 -23.88 26.09
CA GLN A 366 0.19 -24.57 24.82
C GLN A 366 1.50 -24.76 24.05
N ASP A 367 2.59 -24.17 24.53
CA ASP A 367 3.92 -24.38 23.93
C ASP A 367 4.97 -24.28 25.00
N ALA A 368 4.76 -25.05 26.06
CA ALA A 368 5.64 -24.96 27.23
C ALA A 368 7.10 -25.28 26.93
N ASP A 369 7.33 -26.20 25.99
CA ASP A 369 8.71 -26.58 25.69
C ASP A 369 9.27 -25.85 24.49
N GLY A 370 8.50 -24.94 23.92
CA GLY A 370 8.99 -24.14 22.83
C GLY A 370 9.08 -24.85 21.48
N ARG A 371 8.48 -26.03 21.34
CA ARG A 371 8.58 -26.71 20.06
C ARG A 371 7.82 -26.04 18.93
N LEU A 372 6.70 -25.37 19.23
CA LEU A 372 6.03 -24.63 18.15
C LEU A 372 6.82 -23.39 17.79
N ALA A 373 7.47 -22.76 18.77
CA ALA A 373 8.36 -21.63 18.46
C ALA A 373 9.54 -22.07 17.62
N ASP A 374 10.09 -23.25 17.90
CA ASP A 374 11.17 -23.80 17.06
C ASP A 374 10.70 -23.98 15.63
N ARG A 375 9.51 -24.57 15.46
CA ARG A 375 8.96 -24.75 14.14
C ARG A 375 8.77 -23.41 13.41
N ALA A 376 8.29 -22.40 14.13
CA ALA A 376 8.13 -21.09 13.52
C ALA A 376 9.47 -20.56 13.02
N ARG A 377 10.51 -20.66 13.84
CA ARG A 377 11.84 -20.20 13.42
C ARG A 377 12.29 -20.96 12.17
N ASN A 378 12.12 -22.27 12.17
CA ASN A 378 12.56 -23.08 11.05
C ASN A 378 11.79 -22.71 9.78
N TRP A 379 10.51 -22.45 9.94
CA TRP A 379 9.69 -22.07 8.78
C TRP A 379 10.12 -20.72 8.22
N VAL A 380 10.35 -19.74 9.10
CA VAL A 380 10.83 -18.42 8.63
C VAL A 380 12.17 -18.58 7.92
N ASP A 381 13.09 -19.35 8.50
CA ASP A 381 14.40 -19.49 7.88
C ASP A 381 14.28 -20.13 6.49
N ARG A 382 13.45 -21.17 6.38
CA ARG A 382 13.32 -21.89 5.10
C ARG A 382 12.75 -20.97 4.02
N ASN A 383 11.69 -20.24 4.37
CA ASN A 383 11.02 -19.45 3.35
C ASN A 383 11.75 -18.16 3.06
N SER A 384 12.47 -17.62 4.06
CA SER A 384 13.32 -16.46 3.79
C SER A 384 14.44 -16.85 2.83
N ALA A 385 15.07 -18.02 3.07
CA ALA A 385 16.13 -18.46 2.16
C ALA A 385 15.59 -18.65 0.75
N ALA A 386 14.40 -19.26 0.64
CA ALA A 386 13.79 -19.51 -0.67
C ALA A 386 13.50 -18.18 -1.38
N PHE A 387 12.95 -17.22 -0.65
CA PHE A 387 12.64 -15.91 -1.25
C PHE A 387 13.92 -15.24 -1.76
N CYS A 388 14.96 -15.21 -0.92
CA CYS A 388 16.23 -14.59 -1.32
C CYS A 388 16.85 -15.30 -2.53
N ALA A 389 16.74 -16.64 -2.54
CA ALA A 389 17.27 -17.40 -3.68
C ALA A 389 16.51 -17.09 -4.98
N GLY A 390 15.19 -16.95 -4.89
CA GLY A 390 14.40 -16.61 -6.07
C GLY A 390 14.73 -15.21 -6.54
N TYR A 391 14.93 -14.30 -5.60
CA TYR A 391 15.32 -12.94 -5.93
C TYR A 391 16.66 -13.01 -6.66
N ALA A 392 17.61 -13.75 -6.09
CA ALA A 392 18.95 -13.84 -6.70
C ALA A 392 18.94 -14.41 -8.12
N ALA A 393 18.04 -15.36 -8.35
CA ALA A 393 18.00 -16.02 -9.67
C ALA A 393 17.67 -15.01 -10.79
N VAL A 394 16.91 -13.98 -10.46
CA VAL A 394 16.53 -12.97 -11.45
C VAL A 394 17.50 -11.80 -11.41
N ALA A 395 17.88 -11.37 -10.21
CA ALA A 395 18.73 -10.18 -10.06
C ALA A 395 20.17 -10.45 -10.46
N GLY A 396 20.57 -11.71 -10.38
CA GLY A 396 21.91 -12.14 -10.68
C GLY A 396 22.88 -11.76 -9.58
N ASP A 397 22.30 -11.30 -8.48
CA ASP A 397 23.03 -10.94 -7.28
C ASP A 397 22.16 -11.27 -6.06
N ASP A 398 22.70 -12.00 -5.09
CA ASP A 398 21.92 -12.41 -3.94
C ASP A 398 21.77 -11.25 -2.96
N PRO A 399 20.55 -10.95 -2.49
CA PRO A 399 20.39 -9.86 -1.53
C PRO A 399 21.17 -10.12 -0.25
N ARG A 400 21.49 -11.38 0.02
CA ARG A 400 22.26 -11.69 1.22
C ARG A 400 23.73 -11.26 1.09
N ARG A 401 24.19 -10.97 -0.12
CA ARG A 401 25.57 -10.55 -0.32
C ARG A 401 25.89 -9.28 0.47
N ASP A 402 25.02 -8.29 0.34
CA ASP A 402 25.17 -7.03 1.10
C ASP A 402 24.39 -7.21 2.38
N GLY A 403 24.83 -8.17 3.16
CA GLY A 403 24.05 -8.66 4.26
C GLY A 403 23.97 -7.66 5.39
N ASP A 404 24.96 -6.80 5.47
CA ASP A 404 24.97 -5.78 6.50
C ASP A 404 23.88 -4.74 6.27
N VAL A 405 23.77 -4.31 5.03
CA VAL A 405 22.77 -3.33 4.64
C VAL A 405 21.38 -3.96 4.80
N LEU A 406 21.22 -5.18 4.31
CA LEU A 406 19.94 -5.88 4.42
C LEU A 406 19.50 -5.98 5.89
N ALA A 407 20.41 -6.49 6.73
CA ALA A 407 20.07 -6.66 8.13
C ALA A 407 19.76 -5.33 8.81
N ALA A 408 20.47 -4.25 8.43
CA ALA A 408 20.18 -2.95 9.04
C ALA A 408 18.75 -2.49 8.68
N TYR A 409 18.32 -2.75 7.44
CA TYR A 409 16.94 -2.43 7.07
C TYR A 409 15.92 -3.30 7.82
N GLU A 410 16.25 -4.60 8.01
CA GLU A 410 15.38 -5.45 8.81
C GLU A 410 15.30 -4.91 10.24
N LEU A 411 16.45 -4.50 10.79
CA LEU A 411 16.50 -4.00 12.15
C LEU A 411 15.66 -2.72 12.32
N ASP A 412 15.77 -1.81 11.36
CA ASP A 412 15.00 -0.56 11.43
C ASP A 412 13.49 -0.87 11.35
N LYS A 413 13.10 -1.86 10.53
CA LYS A 413 11.69 -2.25 10.53
C LYS A 413 11.26 -2.85 11.86
N ALA A 414 12.09 -3.69 12.46
CA ALA A 414 11.72 -4.32 13.71
C ALA A 414 11.63 -3.29 14.84
N VAL A 415 12.52 -2.30 14.85
CA VAL A 415 12.45 -1.22 15.85
C VAL A 415 11.10 -0.46 15.70
N TYR A 416 10.70 -0.16 14.46
CA TYR A 416 9.45 0.53 14.20
C TYR A 416 8.25 -0.35 14.61
N GLU A 417 8.32 -1.66 14.30
CA GLU A 417 7.27 -2.59 14.71
C GLU A 417 7.13 -2.63 16.23
N ALA A 418 8.25 -2.64 16.93
CA ALA A 418 8.20 -2.68 18.40
C ALA A 418 7.46 -1.48 18.96
N ALA A 419 7.73 -0.32 18.41
CA ALA A 419 7.00 0.86 18.86
C ALA A 419 5.50 0.76 18.57
N TYR A 420 5.17 0.23 17.40
CA TYR A 420 3.78 0.03 17.07
C TYR A 420 3.10 -0.95 18.04
N GLU A 421 3.69 -2.12 18.25
CA GLU A 421 3.05 -3.14 19.08
C GLU A 421 2.94 -2.64 20.50
N ALA A 422 3.97 -1.98 21.02
CA ALA A 422 3.92 -1.46 22.38
C ALA A 422 2.72 -0.54 22.60
N ARG A 423 2.39 0.24 21.59
CA ARG A 423 1.28 1.18 21.68
C ARG A 423 -0.07 0.52 21.43
N PHE A 424 -0.16 -0.36 20.42
CA PHE A 424 -1.46 -0.77 19.89
C PHE A 424 -1.82 -2.23 20.13
N ARG A 425 -0.81 -3.09 20.29
CA ARG A 425 -1.02 -4.53 20.48
C ARG A 425 0.08 -5.11 21.34
N PRO A 426 0.03 -4.86 22.65
CA PRO A 426 1.17 -5.26 23.49
C PRO A 426 1.48 -6.75 23.46
N SER A 427 0.47 -7.59 23.24
CA SER A 427 0.74 -9.03 23.21
C SER A 427 1.64 -9.43 22.02
N TRP A 428 1.77 -8.57 21.02
CA TRP A 428 2.58 -8.89 19.85
C TRP A 428 4.01 -8.38 19.98
N LEU A 429 4.26 -7.56 20.99
CA LEU A 429 5.59 -6.98 21.22
C LEU A 429 6.74 -8.01 21.21
N PRO A 430 6.51 -9.22 21.79
CA PRO A 430 7.62 -10.18 21.75
C PRO A 430 8.11 -10.53 20.35
N ILE A 431 7.29 -10.35 19.31
CA ILE A 431 7.73 -10.70 17.97
C ILE A 431 8.88 -9.78 17.52
N PRO A 432 8.66 -8.45 17.43
CA PRO A 432 9.80 -7.64 16.99
C PRO A 432 10.92 -7.63 18.05
N MET A 433 10.62 -7.79 19.35
CA MET A 433 11.73 -7.80 20.32
C MET A 433 12.64 -8.99 20.07
N ARG A 434 12.07 -10.16 19.81
CA ARG A 434 12.88 -11.35 19.51
C ARG A 434 13.67 -11.12 18.22
N SER A 435 13.03 -10.51 17.22
CA SER A 435 13.70 -10.21 15.99
C SER A 435 14.89 -9.31 16.18
N ILE A 436 14.73 -8.29 17.01
CA ILE A 436 15.81 -7.35 17.22
C ILE A 436 17.04 -8.08 17.76
N ASP A 437 16.86 -8.97 18.74
CA ASP A 437 18.04 -9.65 19.27
C ASP A 437 18.66 -10.60 18.22
N ARG A 438 17.82 -11.25 17.42
CA ARG A 438 18.32 -12.12 16.37
C ARG A 438 19.06 -11.32 15.29
N ILE A 439 18.44 -10.22 14.87
CA ILE A 439 18.99 -9.45 13.78
C ILE A 439 20.26 -8.74 14.25
N LEU A 440 20.34 -8.33 15.53
CA LEU A 440 21.58 -7.73 16.03
C LEU A 440 22.75 -8.65 15.76
N GLY A 441 22.59 -9.96 15.99
CA GLY A 441 23.63 -10.94 15.68
C GLY A 441 23.83 -11.13 14.20
N LYS A 442 22.74 -11.21 13.42
CA LYS A 442 22.88 -11.33 11.96
C LYS A 442 23.68 -10.16 11.42
N LEU A 443 23.35 -8.96 11.87
CA LEU A 443 23.99 -7.76 11.37
C LEU A 443 25.45 -7.70 11.85
N ALA A 444 25.71 -8.02 13.13
CA ALA A 444 27.11 -8.05 13.58
C ALA A 444 27.95 -9.01 12.72
N ALA A 445 27.42 -10.20 12.46
CA ALA A 445 28.12 -11.17 11.62
C ALA A 445 28.42 -10.58 10.22
N ALA A 446 27.42 -9.95 9.62
CA ALA A 446 27.55 -9.40 8.26
C ALA A 446 28.56 -8.25 8.20
N LEU A 447 28.60 -7.41 9.24
CA LEU A 447 29.52 -6.29 9.31
C LEU A 447 30.95 -6.78 9.38
N GLU A 448 31.16 -8.02 9.87
CA GLU A 448 32.47 -8.63 9.88
C GLU A 448 32.73 -9.53 8.68
N HIS A 449 31.75 -9.60 7.77
CA HIS A 449 31.84 -10.43 6.56
C HIS A 449 31.89 -11.91 6.89
N HIS A 450 31.14 -12.29 7.92
CA HIS A 450 31.05 -13.68 8.34
C HIS A 450 29.84 -14.36 7.72
N HIS A 451 28.98 -13.60 7.05
CA HIS A 451 27.77 -14.15 6.44
C HIS A 451 28.17 -14.92 5.18
N HIS A 452 27.40 -15.97 4.90
CA HIS A 452 27.84 -17.05 4.00
C HIS A 452 28.40 -16.64 2.64
MG MG B . -2.44 -2.80 0.23
#